data_5CUQ
#
_entry.id   5CUQ
#
_cell.length_a   47.337
_cell.length_b   99.299
_cell.length_c   57.849
_cell.angle_alpha   90.00
_cell.angle_beta   99.20
_cell.angle_gamma   90.00
#
_symmetry.space_group_name_H-M   'P 1 21 1'
#
loop_
_entity.id
_entity.type
_entity.pdbx_description
1 polymer 'Nonstructural protein NS5'
2 non-polymer "N,N'-BIS(4-AMINO-2-METHYLQUINOLIN-6-YL)UREA"
3 water water
#
_entity_poly.entity_id   1
_entity_poly.type   'polypeptide(L)'
_entity_poly.pdbx_seq_one_letter_code
;GPLGSGTGSQGETLGEKWKKKLNQLSRKEFDLYKKSGITEVDRTEAKEGLKRGETTHHAVSRGSAKLQWFVERNMVIPEG
RVIDLGCGRGGWSYYCAGLKKVTEVRGYTKGGPGHEEPVPMSTYGWNIVKLMSGKDVFYLPPEKCDTLLCDIGESSPSPT
VEESRTIRVLKMVEPWLKNNQFCIKVLNPYMPTVIEHLERLQRKHGGMLVRNPLSRNSTHEMYWISNGTGNIVSSVNMVS
RLLLNRFTMTHRRPTIEKDVDLGAGTR
;
_entity_poly.pdbx_strand_id   A,B
#
# COMPACT_ATOMS: atom_id res chain seq x y z
N GLY A 11 10.43 6.57 0.29
CA GLY A 11 9.64 5.38 0.53
C GLY A 11 8.66 5.53 1.69
N GLU A 12 7.99 4.42 2.05
CA GLU A 12 8.24 3.16 1.38
C GLU A 12 7.28 2.97 0.21
N THR A 13 7.78 2.25 -0.79
CA THR A 13 7.08 2.05 -2.04
C THR A 13 5.94 1.03 -1.88
N LEU A 14 5.02 1.04 -2.84
CA LEU A 14 3.99 0.02 -2.88
C LEU A 14 4.61 -1.36 -3.02
N GLY A 15 5.66 -1.48 -3.85
CA GLY A 15 6.32 -2.76 -4.03
C GLY A 15 6.92 -3.32 -2.74
N GLU A 16 7.49 -2.45 -1.91
CA GLU A 16 8.03 -2.92 -0.63
C GLU A 16 6.92 -3.42 0.29
N LYS A 17 5.75 -2.78 0.25
CA LYS A 17 4.61 -3.27 1.03
C LYS A 17 4.17 -4.64 0.53
N TRP A 18 4.13 -4.81 -0.79
CA TRP A 18 3.83 -6.11 -1.36
C TRP A 18 4.82 -7.17 -0.90
N LYS A 19 6.11 -6.83 -0.90
CA LYS A 19 7.14 -7.80 -0.52
C LYS A 19 7.01 -8.21 0.95
N LYS A 20 6.73 -7.23 1.82
CA LYS A 20 6.46 -7.55 3.21
C LYS A 20 5.34 -8.58 3.34
N LYS A 21 4.19 -8.29 2.70
CA LYS A 21 3.05 -9.21 2.81
C LYS A 21 3.38 -10.57 2.21
N LEU A 22 4.11 -10.59 1.09
CA LEU A 22 4.51 -11.86 0.49
C LEU A 22 5.32 -12.69 1.47
N ASN A 23 6.25 -12.04 2.17
CA ASN A 23 7.07 -12.73 3.17
C ASN A 23 6.29 -13.14 4.41
N GLN A 24 5.07 -12.62 4.62
CA GLN A 24 4.26 -13.07 5.75
C GLN A 24 3.45 -14.34 5.45
N LEU A 25 3.27 -14.71 4.19
CA LEU A 25 2.36 -15.80 3.84
C LEU A 25 2.88 -17.16 4.31
N SER A 26 1.95 -18.04 4.68
CA SER A 26 2.28 -19.43 4.93
C SER A 26 2.49 -20.16 3.60
N ARG A 27 2.90 -21.42 3.67
CA ARG A 27 3.15 -22.15 2.43
C ARG A 27 1.88 -22.31 1.59
N LYS A 28 0.76 -22.66 2.22
CA LYS A 28 -0.47 -22.88 1.46
C LYS A 28 -1.01 -21.56 0.91
N GLU A 29 -0.95 -20.49 1.72
CA GLU A 29 -1.37 -19.18 1.23
C GLU A 29 -0.49 -18.73 0.08
N PHE A 30 0.83 -18.92 0.21
CA PHE A 30 1.75 -18.55 -0.86
C PHE A 30 1.48 -19.34 -2.14
N ASP A 31 1.30 -20.65 -2.02
CA ASP A 31 1.05 -21.45 -3.22
C ASP A 31 -0.27 -21.06 -3.90
N LEU A 32 -1.29 -20.71 -3.13
CA LEU A 32 -2.53 -20.22 -3.74
C LEU A 32 -2.33 -18.85 -4.39
N TYR A 33 -1.71 -17.93 -3.65
CA TYR A 33 -1.57 -16.56 -4.13
C TYR A 33 -0.74 -16.48 -5.41
N LYS A 34 0.37 -17.24 -5.48
CA LYS A 34 1.32 -17.02 -6.58
C LYS A 34 0.72 -17.30 -7.94
N LYS A 35 -0.34 -18.11 -8.03
CA LYS A 35 -0.98 -18.44 -9.29
C LYS A 35 -2.31 -17.74 -9.49
N SER A 36 -2.81 -17.03 -8.48
CA SER A 36 -4.17 -16.49 -8.53
C SER A 36 -4.34 -15.49 -9.67
N GLY A 37 -5.14 -15.86 -10.67
CA GLY A 37 -5.49 -14.99 -11.78
C GLY A 37 -4.42 -14.82 -12.83
N ILE A 38 -3.34 -15.61 -12.80
CA ILE A 38 -2.27 -15.46 -13.77
C ILE A 38 -2.55 -16.29 -15.02
N THR A 39 -1.71 -16.13 -16.03
CA THR A 39 -1.70 -17.00 -17.20
C THR A 39 -0.49 -17.92 -17.10
N GLU A 40 -0.65 -19.17 -17.53
CA GLU A 40 0.50 -20.07 -17.57
C GLU A 40 0.32 -21.08 -18.68
N VAL A 41 1.44 -21.51 -19.24
CA VAL A 41 1.39 -22.55 -20.26
C VAL A 41 1.43 -23.91 -19.58
N ASP A 42 0.75 -24.86 -20.20
CA ASP A 42 0.78 -26.25 -19.75
C ASP A 42 2.08 -26.89 -20.20
N ARG A 43 2.98 -27.17 -19.27
CA ARG A 43 4.31 -27.71 -19.58
C ARG A 43 4.38 -29.23 -19.42
N THR A 44 3.26 -29.90 -19.13
CA THR A 44 3.30 -31.34 -18.84
C THR A 44 3.87 -32.14 -20.00
N GLU A 45 3.33 -31.91 -21.21
CA GLU A 45 3.79 -32.68 -22.35
C GLU A 45 5.26 -32.38 -22.65
N ALA A 46 5.61 -31.10 -22.68
CA ALA A 46 6.99 -30.71 -22.96
C ALA A 46 7.95 -31.34 -21.96
N LYS A 47 7.62 -31.29 -20.67
CA LYS A 47 8.49 -31.85 -19.66
C LYS A 47 8.68 -33.35 -19.86
N GLU A 48 7.60 -34.07 -20.19
CA GLU A 48 7.76 -35.49 -20.48
C GLU A 48 8.66 -35.71 -21.70
N GLY A 49 8.51 -34.87 -22.73
CA GLY A 49 9.39 -34.98 -23.88
C GLY A 49 10.86 -34.77 -23.52
N LEU A 50 11.15 -33.75 -22.71
CA LEU A 50 12.53 -33.53 -22.30
C LEU A 50 13.06 -34.70 -21.47
N LYS A 51 12.20 -35.26 -20.61
CA LYS A 51 12.62 -36.42 -19.82
C LYS A 51 13.05 -37.58 -20.71
N ARG A 52 12.43 -37.73 -21.88
CA ARG A 52 12.75 -38.79 -22.82
C ARG A 52 13.88 -38.45 -23.77
N GLY A 53 14.41 -37.24 -23.71
CA GLY A 53 15.47 -36.88 -24.63
C GLY A 53 14.99 -36.46 -25.99
N GLU A 54 13.71 -36.11 -26.14
CA GLU A 54 13.19 -35.69 -27.43
C GLU A 54 13.74 -34.32 -27.81
N THR A 55 14.09 -34.14 -29.09
CA THR A 55 14.80 -32.93 -29.51
C THR A 55 14.02 -32.06 -30.48
N THR A 56 12.78 -32.40 -30.82
CA THR A 56 11.98 -31.56 -31.69
C THR A 56 10.73 -31.07 -30.95
N HIS A 57 10.20 -29.95 -31.44
CA HIS A 57 8.96 -29.31 -31.01
C HIS A 57 8.99 -28.68 -29.61
N HIS A 58 9.57 -29.34 -28.62
CA HIS A 58 9.44 -28.87 -27.24
C HIS A 58 10.27 -27.63 -26.98
N ALA A 59 9.70 -26.69 -26.23
CA ALA A 59 10.47 -25.63 -25.59
C ALA A 59 11.20 -26.21 -24.39
N VAL A 60 12.45 -25.76 -24.18
CA VAL A 60 13.23 -26.32 -23.07
C VAL A 60 12.85 -25.72 -21.73
N SER A 61 12.07 -24.63 -21.73
CA SER A 61 11.63 -24.01 -20.50
C SER A 61 10.34 -23.25 -20.80
N ARG A 62 9.68 -22.81 -19.72
CA ARG A 62 8.56 -21.87 -19.82
C ARG A 62 8.97 -20.54 -20.41
N GLY A 63 10.28 -20.30 -20.54
CA GLY A 63 10.77 -19.01 -21.04
C GLY A 63 10.42 -18.73 -22.48
N SER A 64 10.33 -19.77 -23.32
CA SER A 64 10.02 -19.56 -24.73
C SER A 64 8.67 -18.86 -24.87
N ALA A 65 7.65 -19.35 -24.17
CA ALA A 65 6.33 -18.73 -24.22
C ALA A 65 6.35 -17.34 -23.61
N LYS A 66 7.15 -17.17 -22.56
CA LYS A 66 7.26 -15.87 -21.91
C LYS A 66 7.78 -14.82 -22.89
N LEU A 67 8.86 -15.13 -23.61
CA LEU A 67 9.39 -14.18 -24.58
C LEU A 67 8.43 -14.00 -25.74
N GLN A 68 7.79 -15.10 -26.17
CA GLN A 68 6.82 -15.00 -27.24
C GLN A 68 5.76 -13.93 -26.95
N TRP A 69 5.33 -13.83 -25.68
CA TRP A 69 4.32 -12.83 -25.35
C TRP A 69 4.78 -11.41 -25.71
N PHE A 70 6.05 -11.09 -25.44
CA PHE A 70 6.59 -9.79 -25.83
C PHE A 70 6.68 -9.65 -27.34
N VAL A 71 7.18 -10.69 -28.01
CA VAL A 71 7.46 -10.60 -29.44
C VAL A 71 6.18 -10.45 -30.25
N GLU A 72 5.12 -11.14 -29.83
CA GLU A 72 3.86 -11.05 -30.55
C GLU A 72 3.21 -9.68 -30.41
N ARG A 73 3.68 -8.85 -29.48
CA ARG A 73 3.20 -7.49 -29.33
C ARG A 73 4.21 -6.47 -29.82
N ASN A 74 5.23 -6.93 -30.56
CA ASN A 74 6.26 -6.06 -31.15
C ASN A 74 6.98 -5.21 -30.10
N MET A 75 6.99 -5.66 -28.83
CA MET A 75 7.69 -4.93 -27.78
C MET A 75 9.20 -5.12 -27.89
N VAL A 76 9.62 -6.32 -28.29
CA VAL A 76 10.95 -6.56 -28.79
C VAL A 76 10.77 -7.38 -30.06
N ILE A 77 11.56 -7.08 -31.08
CA ILE A 77 11.42 -7.71 -32.38
C ILE A 77 12.75 -8.32 -32.75
N PRO A 78 12.99 -9.58 -32.39
CA PRO A 78 14.31 -10.18 -32.62
C PRO A 78 14.66 -10.21 -34.10
N GLU A 79 15.89 -9.82 -34.40
CA GLU A 79 16.35 -9.77 -35.78
C GLU A 79 17.87 -9.82 -35.78
N GLY A 80 18.42 -10.22 -36.93
CA GLY A 80 19.87 -10.21 -37.11
C GLY A 80 20.57 -11.10 -36.09
N ARG A 81 21.66 -10.59 -35.53
CA ARG A 81 22.43 -11.29 -34.53
C ARG A 81 21.78 -11.03 -33.16
N VAL A 82 21.36 -12.12 -32.52
CA VAL A 82 20.72 -12.09 -31.21
C VAL A 82 21.73 -12.62 -30.21
N ILE A 83 21.96 -11.87 -29.14
CA ILE A 83 22.80 -12.29 -28.03
C ILE A 83 21.90 -12.48 -26.83
N ASP A 84 22.00 -13.65 -26.18
CA ASP A 84 21.14 -14.05 -25.07
C ASP A 84 22.04 -14.21 -23.84
N LEU A 85 22.07 -13.21 -22.97
CA LEU A 85 22.92 -13.22 -21.79
C LEU A 85 22.23 -13.98 -20.67
N GLY A 86 22.90 -15.01 -20.15
CA GLY A 86 22.28 -15.86 -19.16
C GLY A 86 21.24 -16.79 -19.78
N CYS A 87 21.61 -17.46 -20.87
CA CYS A 87 20.63 -18.19 -21.65
C CYS A 87 20.12 -19.44 -20.93
N GLY A 88 20.82 -19.91 -19.89
CA GLY A 88 20.38 -21.12 -19.19
C GLY A 88 20.20 -22.30 -20.13
N ARG A 89 19.06 -22.99 -19.97
CA ARG A 89 18.72 -24.09 -20.88
C ARG A 89 18.64 -23.64 -22.34
N GLY A 90 18.24 -22.40 -22.58
CA GLY A 90 18.15 -21.88 -23.93
C GLY A 90 16.74 -21.54 -24.46
N GLY A 91 15.74 -21.42 -23.59
CA GLY A 91 14.37 -21.20 -24.07
C GLY A 91 14.20 -19.96 -24.94
N TRP A 92 14.84 -18.86 -24.55
CA TRP A 92 14.76 -17.63 -25.36
C TRP A 92 15.52 -17.78 -26.67
N SER A 93 16.68 -18.43 -26.63
CA SER A 93 17.52 -18.60 -27.82
C SER A 93 16.81 -19.46 -28.86
N TYR A 94 16.28 -20.63 -28.43
CA TYR A 94 15.61 -21.50 -29.39
C TYR A 94 14.33 -20.88 -29.92
N TYR A 95 13.61 -20.08 -29.11
CA TYR A 95 12.46 -19.39 -29.68
C TYR A 95 12.89 -18.41 -30.77
N CYS A 96 13.93 -17.61 -30.50
CA CYS A 96 14.36 -16.64 -31.52
C CYS A 96 14.88 -17.30 -32.77
N ALA A 97 15.48 -18.48 -32.65
CA ALA A 97 16.08 -19.14 -33.82
C ALA A 97 15.06 -19.43 -34.91
N GLY A 98 13.79 -19.56 -34.56
CA GLY A 98 12.75 -19.85 -35.53
C GLY A 98 12.14 -18.64 -36.20
N LEU A 99 12.58 -17.43 -35.83
CA LEU A 99 12.00 -16.20 -36.35
C LEU A 99 12.70 -15.79 -37.65
N LYS A 100 11.89 -15.43 -38.66
CA LYS A 100 12.43 -15.24 -40.00
C LYS A 100 13.55 -14.19 -40.04
N LYS A 101 13.38 -13.10 -39.31
CA LYS A 101 14.33 -12.00 -39.36
C LYS A 101 15.64 -12.27 -38.61
N VAL A 102 15.68 -13.33 -37.79
CA VAL A 102 16.87 -13.66 -37.02
C VAL A 102 17.84 -14.44 -37.89
N THR A 103 19.13 -14.07 -37.82
CA THR A 103 20.16 -14.72 -38.62
C THR A 103 21.17 -15.50 -37.80
N GLU A 104 21.28 -15.23 -36.50
CA GLU A 104 22.28 -15.85 -35.65
C GLU A 104 21.87 -15.66 -34.20
N VAL A 105 22.02 -16.71 -33.39
CA VAL A 105 21.74 -16.64 -31.96
C VAL A 105 22.96 -17.12 -31.19
N ARG A 106 23.50 -16.25 -30.33
CA ARG A 106 24.60 -16.61 -29.44
C ARG A 106 24.12 -16.50 -28.01
N GLY A 107 24.13 -17.61 -27.28
CA GLY A 107 23.73 -17.61 -25.88
C GLY A 107 24.95 -17.86 -24.99
N TYR A 108 25.02 -17.15 -23.87
CA TYR A 108 26.08 -17.29 -22.88
C TYR A 108 25.47 -17.56 -21.52
N THR A 109 26.03 -18.52 -20.78
CA THR A 109 25.46 -18.80 -19.46
C THR A 109 26.53 -19.45 -18.60
N LYS A 110 26.37 -19.31 -17.29
CA LYS A 110 27.40 -19.78 -16.35
C LYS A 110 27.46 -21.31 -16.33
N GLY A 111 26.32 -21.97 -16.21
CA GLY A 111 26.32 -23.44 -16.10
C GLY A 111 27.05 -23.88 -14.84
N GLY A 112 27.49 -25.14 -14.85
CA GLY A 112 28.20 -25.68 -13.71
C GLY A 112 27.26 -26.00 -12.56
N PRO A 113 27.85 -26.38 -11.41
CA PRO A 113 27.05 -26.79 -10.26
C PRO A 113 26.08 -25.71 -9.83
N GLY A 114 24.82 -26.09 -9.65
CA GLY A 114 23.81 -25.17 -9.17
C GLY A 114 23.16 -24.33 -10.23
N HIS A 115 23.56 -24.46 -11.50
CA HIS A 115 23.01 -23.64 -12.57
C HIS A 115 22.60 -24.50 -13.77
N GLU A 116 21.65 -24.00 -14.55
CA GLU A 116 21.17 -24.76 -15.70
C GLU A 116 22.21 -24.76 -16.83
N GLU A 117 22.37 -25.91 -17.44
CA GLU A 117 23.21 -26.07 -18.63
C GLU A 117 22.37 -25.91 -19.89
N PRO A 118 22.96 -25.42 -20.98
CA PRO A 118 22.24 -25.43 -22.26
C PRO A 118 21.77 -26.84 -22.63
N VAL A 119 20.55 -26.90 -23.13
CA VAL A 119 19.91 -28.16 -23.53
C VAL A 119 19.99 -28.26 -25.05
N PRO A 120 20.69 -29.25 -25.60
CA PRO A 120 20.72 -29.42 -27.06
C PRO A 120 19.35 -29.82 -27.61
N MET A 121 18.91 -29.10 -28.64
CA MET A 121 17.65 -29.40 -29.31
C MET A 121 17.81 -29.27 -30.82
N SER A 122 16.84 -29.84 -31.54
CA SER A 122 16.74 -29.69 -32.99
C SER A 122 15.40 -29.07 -33.38
N THR A 123 14.93 -28.12 -32.58
CA THR A 123 13.77 -27.34 -32.97
C THR A 123 14.15 -26.42 -34.13
N TYR A 124 13.14 -25.80 -34.75
CA TYR A 124 13.36 -25.09 -36.00
C TYR A 124 14.39 -23.98 -35.83
N GLY A 125 15.39 -23.98 -36.71
CA GLY A 125 16.46 -23.01 -36.66
C GLY A 125 17.59 -23.36 -35.73
N TRP A 126 17.62 -24.58 -35.17
CA TRP A 126 18.68 -24.94 -34.23
C TRP A 126 20.07 -24.71 -34.79
N ASN A 127 20.26 -24.84 -36.12
CA ASN A 127 21.59 -24.78 -36.70
C ASN A 127 22.19 -23.38 -36.70
N ILE A 128 21.42 -22.34 -36.36
CA ILE A 128 21.98 -21.00 -36.23
C ILE A 128 22.18 -20.60 -34.77
N VAL A 129 22.04 -21.54 -33.83
CA VAL A 129 22.16 -21.28 -32.40
C VAL A 129 23.48 -21.86 -31.88
N LYS A 130 24.23 -21.05 -31.14
CA LYS A 130 25.38 -21.53 -30.40
C LYS A 130 25.21 -21.11 -28.95
N LEU A 131 25.09 -22.10 -28.06
CA LEU A 131 24.93 -21.87 -26.62
C LEU A 131 26.24 -22.27 -25.95
N MET A 132 26.80 -21.34 -25.19
CA MET A 132 28.11 -21.48 -24.57
C MET A 132 27.95 -21.42 -23.06
N SER A 133 28.28 -22.53 -22.38
CA SER A 133 28.29 -22.59 -20.93
C SER A 133 29.67 -22.22 -20.40
N GLY A 134 29.77 -22.11 -19.08
CA GLY A 134 31.03 -21.74 -18.46
C GLY A 134 31.42 -20.29 -18.68
N LYS A 135 30.44 -19.43 -18.96
CA LYS A 135 30.69 -18.03 -19.27
C LYS A 135 30.04 -17.17 -18.20
N ASP A 136 30.83 -16.33 -17.54
CA ASP A 136 30.31 -15.37 -16.58
C ASP A 136 30.08 -14.06 -17.33
N VAL A 137 28.81 -13.71 -17.56
CA VAL A 137 28.55 -12.56 -18.41
C VAL A 137 29.00 -11.26 -17.77
N PHE A 138 29.25 -11.26 -16.46
CA PHE A 138 29.72 -10.03 -15.84
C PHE A 138 31.16 -9.67 -16.22
N TYR A 139 31.89 -10.59 -16.85
CA TYR A 139 33.23 -10.31 -17.33
C TYR A 139 33.34 -10.51 -18.84
N LEU A 140 32.21 -10.63 -19.54
CA LEU A 140 32.22 -10.91 -20.97
C LEU A 140 32.30 -9.61 -21.75
N PRO A 141 33.31 -9.41 -22.58
CA PRO A 141 33.40 -8.17 -23.38
C PRO A 141 32.21 -8.03 -24.31
N PRO A 142 31.58 -6.85 -24.32
CA PRO A 142 30.42 -6.64 -25.19
C PRO A 142 30.74 -6.83 -26.67
N GLU A 143 29.75 -7.35 -27.38
CA GLU A 143 29.85 -7.66 -28.79
C GLU A 143 28.75 -6.92 -29.53
N LYS A 144 28.98 -6.66 -30.81
CA LYS A 144 27.96 -6.07 -31.65
C LYS A 144 26.80 -7.05 -31.80
N CYS A 145 25.58 -6.55 -31.64
CA CYS A 145 24.41 -7.38 -31.87
C CYS A 145 23.22 -6.51 -32.26
N ASP A 146 22.29 -7.13 -32.98
CA ASP A 146 21.07 -6.46 -33.38
C ASP A 146 19.95 -6.64 -32.38
N THR A 147 20.04 -7.68 -31.54
CA THR A 147 19.07 -7.94 -30.50
C THR A 147 19.82 -8.37 -29.26
N LEU A 148 19.53 -7.75 -28.12
CA LEU A 148 20.16 -8.08 -26.84
C LEU A 148 19.08 -8.52 -25.86
N LEU A 149 19.17 -9.76 -25.40
CA LEU A 149 18.25 -10.35 -24.44
C LEU A 149 18.99 -10.66 -23.15
N CYS A 150 18.33 -10.44 -22.02
CA CYS A 150 18.93 -10.85 -20.76
C CYS A 150 17.82 -11.19 -19.78
N ASP A 151 17.85 -12.39 -19.22
CA ASP A 151 16.79 -12.81 -18.32
C ASP A 151 17.35 -13.13 -16.93
N ILE A 152 18.40 -12.43 -16.52
CA ILE A 152 19.11 -12.73 -15.28
C ILE A 152 18.52 -11.96 -14.11
N GLY A 153 18.37 -12.64 -12.99
CA GLY A 153 18.03 -11.98 -11.73
C GLY A 153 17.53 -12.96 -10.69
N GLU A 154 18.34 -13.19 -9.66
CA GLU A 154 18.02 -14.19 -8.65
C GLU A 154 17.18 -13.56 -7.54
N SER A 155 16.00 -14.12 -7.30
CA SER A 155 15.14 -13.58 -6.26
C SER A 155 15.71 -13.85 -4.88
N SER A 156 15.25 -13.05 -3.92
CA SER A 156 15.59 -13.18 -2.52
C SER A 156 14.42 -12.67 -1.70
N PRO A 157 14.19 -13.22 -0.50
CA PRO A 157 13.21 -12.62 0.41
C PRO A 157 13.59 -11.21 0.83
N SER A 158 14.85 -10.82 0.70
CA SER A 158 15.30 -9.48 1.03
C SER A 158 15.18 -8.57 -0.20
N PRO A 159 14.36 -7.52 -0.15
CA PRO A 159 14.33 -6.58 -1.28
C PRO A 159 15.63 -5.82 -1.46
N THR A 160 16.41 -5.60 -0.41
CA THR A 160 17.67 -4.86 -0.55
C THR A 160 18.72 -5.71 -1.29
N VAL A 161 18.77 -7.00 -0.98
CA VAL A 161 19.59 -7.93 -1.75
C VAL A 161 19.20 -7.88 -3.22
N GLU A 162 17.89 -7.96 -3.49
CA GLU A 162 17.41 -7.90 -4.88
C GLU A 162 17.75 -6.58 -5.53
N GLU A 163 17.72 -5.49 -4.77
CA GLU A 163 18.10 -4.19 -5.31
C GLU A 163 19.52 -4.21 -5.84
N SER A 164 20.46 -4.70 -5.03
CA SER A 164 21.84 -4.79 -5.51
C SER A 164 21.97 -5.72 -6.72
N ARG A 165 21.30 -6.88 -6.67
CA ARG A 165 21.40 -7.81 -7.81
C ARG A 165 20.86 -7.16 -9.08
N THR A 166 19.73 -6.45 -8.97
CA THR A 166 19.12 -5.80 -10.13
C THR A 166 20.03 -4.72 -10.71
N ILE A 167 20.54 -3.83 -9.84
CA ILE A 167 21.43 -2.78 -10.34
C ILE A 167 22.67 -3.40 -10.99
N ARG A 168 23.21 -4.47 -10.39
CA ARG A 168 24.36 -5.12 -11.00
C ARG A 168 24.04 -5.66 -12.41
N VAL A 169 22.84 -6.25 -12.57
CA VAL A 169 22.44 -6.70 -13.90
C VAL A 169 22.33 -5.53 -14.88
N LEU A 170 21.72 -4.42 -14.44
CA LEU A 170 21.55 -3.29 -15.35
C LEU A 170 22.90 -2.70 -15.76
N LYS A 171 23.83 -2.61 -14.81
CA LYS A 171 25.18 -2.13 -15.11
C LYS A 171 25.88 -3.06 -16.10
N MET A 172 25.71 -4.37 -15.94
CA MET A 172 26.32 -5.33 -16.86
C MET A 172 25.72 -5.23 -18.26
N VAL A 173 24.40 -5.07 -18.39
CA VAL A 173 23.82 -5.15 -19.73
C VAL A 173 24.05 -3.87 -20.52
N GLU A 174 24.14 -2.71 -19.84
CA GLU A 174 24.18 -1.45 -20.58
C GLU A 174 25.26 -1.36 -21.67
N PRO A 175 26.50 -1.82 -21.48
CA PRO A 175 27.49 -1.72 -22.57
C PRO A 175 27.12 -2.48 -23.82
N TRP A 176 26.13 -3.39 -23.75
CA TRP A 176 25.68 -4.14 -24.92
C TRP A 176 24.62 -3.41 -25.72
N LEU A 177 24.11 -2.28 -25.23
CA LEU A 177 22.97 -1.61 -25.83
C LEU A 177 23.44 -0.45 -26.71
N LYS A 178 23.12 -0.50 -28.00
CA LYS A 178 23.43 0.60 -28.91
C LYS A 178 22.70 0.37 -30.23
N ASN A 179 21.66 1.16 -30.48
CA ASN A 179 20.87 1.06 -31.70
C ASN A 179 20.42 -0.37 -31.97
N ASN A 180 19.99 -1.07 -30.91
CA ASN A 180 19.54 -2.44 -31.10
C ASN A 180 18.26 -2.69 -30.31
N GLN A 181 17.58 -3.78 -30.68
CA GLN A 181 16.44 -4.29 -29.95
C GLN A 181 16.91 -4.88 -28.63
N PHE A 182 16.08 -4.81 -27.59
CA PHE A 182 16.47 -5.47 -26.35
C PHE A 182 15.25 -5.85 -25.53
N CYS A 183 15.46 -6.84 -24.66
CA CYS A 183 14.47 -7.27 -23.68
C CYS A 183 15.26 -7.75 -22.47
N ILE A 184 15.15 -7.03 -21.34
CA ILE A 184 16.02 -7.20 -20.18
C ILE A 184 15.16 -7.37 -18.93
N LYS A 185 15.36 -8.45 -18.18
CA LYS A 185 14.60 -8.61 -16.95
C LYS A 185 15.08 -7.64 -15.89
N VAL A 186 14.12 -7.04 -15.19
CA VAL A 186 14.37 -6.16 -14.04
C VAL A 186 13.73 -6.87 -12.85
N LEU A 187 14.58 -7.57 -12.09
CA LEU A 187 14.09 -8.46 -11.02
C LEU A 187 13.26 -7.69 -10.00
N ASN A 188 13.78 -6.57 -9.53
CA ASN A 188 13.11 -5.75 -8.53
C ASN A 188 13.06 -4.34 -9.10
N PRO A 189 11.93 -3.96 -9.70
CA PRO A 189 11.83 -2.63 -10.32
C PRO A 189 11.29 -1.55 -9.40
N TYR A 190 10.94 -1.88 -8.15
CA TYR A 190 10.21 -0.94 -7.32
C TYR A 190 11.08 -0.22 -6.29
N MET A 191 12.28 -0.72 -6.02
CA MET A 191 13.15 -0.02 -5.08
C MET A 191 13.58 1.30 -5.68
N PRO A 192 13.60 2.38 -4.89
CA PRO A 192 13.83 3.72 -5.46
C PRO A 192 15.13 3.84 -6.23
N THR A 193 16.23 3.23 -5.75
CA THR A 193 17.49 3.32 -6.48
C THR A 193 17.38 2.66 -7.85
N VAL A 194 16.68 1.53 -7.92
CA VAL A 194 16.45 0.90 -9.22
C VAL A 194 15.65 1.83 -10.12
N ILE A 195 14.58 2.44 -9.59
CA ILE A 195 13.77 3.35 -10.39
C ILE A 195 14.64 4.46 -10.99
N GLU A 196 15.54 5.04 -10.18
CA GLU A 196 16.40 6.11 -10.68
C GLU A 196 17.34 5.60 -11.79
N HIS A 197 17.91 4.41 -11.60
CA HIS A 197 18.75 3.85 -12.67
C HIS A 197 17.95 3.62 -13.94
N LEU A 198 16.72 3.14 -13.81
CA LEU A 198 15.89 2.86 -14.98
C LEU A 198 15.53 4.16 -15.70
N GLU A 199 15.31 5.24 -14.96
CA GLU A 199 15.01 6.51 -15.61
C GLU A 199 16.21 7.02 -16.40
N ARG A 200 17.43 6.86 -15.85
CA ARG A 200 18.61 7.26 -16.62
C ARG A 200 18.81 6.34 -17.83
N LEU A 201 18.54 5.05 -17.65
CA LEU A 201 18.66 4.11 -18.76
C LEU A 201 17.67 4.43 -19.87
N GLN A 202 16.45 4.77 -19.51
CA GLN A 202 15.44 5.11 -20.50
C GLN A 202 15.82 6.39 -21.21
N ARG A 203 16.47 7.32 -20.50
CA ARG A 203 16.97 8.53 -21.14
C ARG A 203 18.03 8.20 -22.18
N LYS A 204 18.91 7.23 -21.88
CA LYS A 204 20.01 6.92 -22.80
C LYS A 204 19.60 5.99 -23.93
N HIS A 205 18.66 5.08 -23.69
CA HIS A 205 18.40 4.01 -24.63
C HIS A 205 16.93 3.84 -24.98
N GLY A 206 16.04 4.66 -24.41
CA GLY A 206 14.64 4.51 -24.75
C GLY A 206 14.03 3.27 -24.11
N GLY A 207 12.92 2.83 -24.71
CA GLY A 207 12.21 1.67 -24.21
C GLY A 207 11.29 1.98 -23.05
N MET A 208 10.75 0.91 -22.46
CA MET A 208 9.68 1.02 -21.48
C MET A 208 9.68 -0.24 -20.65
N LEU A 209 9.13 -0.13 -19.44
CA LEU A 209 9.03 -1.26 -18.51
C LEU A 209 7.65 -1.90 -18.60
N VAL A 210 7.59 -3.22 -18.78
CA VAL A 210 6.34 -3.92 -19.07
C VAL A 210 6.24 -5.15 -18.18
N ARG A 211 5.03 -5.40 -17.68
CA ARG A 211 4.74 -6.62 -16.92
C ARG A 211 4.25 -7.72 -17.86
N ASN A 212 4.87 -8.92 -17.74
CA ASN A 212 4.45 -10.10 -18.49
C ASN A 212 3.38 -10.85 -17.71
N PRO A 213 2.21 -11.12 -18.30
CA PRO A 213 1.13 -11.79 -17.55
C PRO A 213 1.44 -13.24 -17.19
N LEU A 214 2.48 -13.83 -17.77
CA LEU A 214 2.91 -15.17 -17.40
C LEU A 214 3.80 -15.15 -16.17
N SER A 215 4.18 -13.97 -15.68
CA SER A 215 4.89 -13.88 -14.41
C SER A 215 3.95 -14.25 -13.27
N ARG A 216 4.48 -14.99 -12.30
CA ARG A 216 3.68 -15.32 -11.13
C ARG A 216 3.52 -14.11 -10.23
N ASN A 217 2.48 -14.16 -9.39
CA ASN A 217 2.25 -13.07 -8.45
C ASN A 217 3.33 -12.99 -7.37
N SER A 218 4.14 -14.04 -7.21
CA SER A 218 5.21 -14.08 -6.23
C SER A 218 6.47 -13.38 -6.69
N THR A 219 6.47 -12.80 -7.89
CA THR A 219 7.58 -11.98 -8.33
C THR A 219 7.04 -10.67 -8.86
N HIS A 220 7.77 -9.58 -8.57
CA HIS A 220 7.46 -8.26 -9.09
C HIS A 220 8.23 -7.94 -10.36
N GLU A 221 8.89 -8.95 -10.94
CA GLU A 221 9.74 -8.75 -12.10
C GLU A 221 9.00 -8.04 -13.21
N MET A 222 9.71 -7.13 -13.89
CA MET A 222 9.19 -6.51 -15.11
C MET A 222 10.31 -6.50 -16.12
N TYR A 223 9.99 -6.24 -17.38
CA TYR A 223 10.99 -6.33 -18.43
C TYR A 223 11.15 -4.98 -19.08
N TRP A 224 12.40 -4.55 -19.20
CA TRP A 224 12.73 -3.34 -19.95
C TRP A 224 12.85 -3.75 -21.42
N ILE A 225 11.90 -3.31 -22.23
CA ILE A 225 11.86 -3.66 -23.65
C ILE A 225 12.09 -2.40 -24.48
N SER A 226 12.58 -2.60 -25.70
CA SER A 226 13.11 -1.47 -26.45
C SER A 226 12.04 -0.65 -27.17
N ASN A 227 10.87 -1.21 -27.46
CA ASN A 227 9.97 -0.55 -28.39
C ASN A 227 8.88 0.19 -27.64
N GLY A 228 8.77 1.49 -27.90
CA GLY A 228 7.81 2.34 -27.24
C GLY A 228 8.40 3.09 -26.06
N THR A 229 7.51 3.77 -25.34
CA THR A 229 7.92 4.62 -24.23
C THR A 229 6.80 4.64 -23.21
N GLY A 230 7.03 5.35 -22.11
CA GLY A 230 6.04 5.44 -21.05
C GLY A 230 6.66 5.87 -19.75
N ASN A 231 5.81 6.05 -18.75
CA ASN A 231 6.22 6.51 -17.42
C ASN A 231 6.58 5.28 -16.58
N ILE A 232 7.86 5.16 -16.22
CA ILE A 232 8.33 3.97 -15.51
C ILE A 232 7.69 3.86 -14.13
N VAL A 233 7.69 4.96 -13.38
CA VAL A 233 7.11 4.93 -12.04
C VAL A 233 5.64 4.54 -12.09
N SER A 234 4.89 5.12 -13.02
CA SER A 234 3.46 4.78 -13.13
C SER A 234 3.27 3.30 -13.44
N SER A 235 4.09 2.74 -14.34
CA SER A 235 3.91 1.34 -14.69
C SER A 235 4.27 0.42 -13.52
N VAL A 236 5.36 0.73 -12.80
CA VAL A 236 5.73 -0.07 -11.64
C VAL A 236 4.62 -0.02 -10.59
N ASN A 237 4.11 1.18 -10.31
CA ASN A 237 3.06 1.31 -9.31
C ASN A 237 1.79 0.57 -9.73
N MET A 238 1.48 0.55 -11.03
CA MET A 238 0.32 -0.21 -11.50
C MET A 238 0.49 -1.68 -11.17
N VAL A 239 1.69 -2.23 -11.44
CA VAL A 239 1.93 -3.63 -11.09
C VAL A 239 1.82 -3.84 -9.58
N SER A 240 2.38 -2.94 -8.79
CA SER A 240 2.33 -3.10 -7.34
C SER A 240 0.89 -3.12 -6.85
N ARG A 241 0.04 -2.23 -7.36
CA ARG A 241 -1.36 -2.23 -6.91
C ARG A 241 -2.06 -3.52 -7.34
N LEU A 242 -1.83 -3.98 -8.57
CA LEU A 242 -2.42 -5.26 -8.98
C LEU A 242 -2.03 -6.39 -8.04
N LEU A 243 -0.73 -6.54 -7.79
CA LEU A 243 -0.24 -7.64 -6.96
C LEU A 243 -0.70 -7.51 -5.52
N LEU A 244 -0.83 -6.27 -5.02
CA LEU A 244 -1.37 -6.08 -3.68
C LEU A 244 -2.83 -6.47 -3.61
N ASN A 245 -3.62 -6.05 -4.60
CA ASN A 245 -5.04 -6.39 -4.58
C ASN A 245 -5.27 -7.88 -4.71
N ARG A 246 -4.35 -8.60 -5.37
CA ARG A 246 -4.55 -10.04 -5.50
C ARG A 246 -4.37 -10.80 -4.19
N PHE A 247 -3.84 -10.16 -3.14
CA PHE A 247 -3.75 -10.82 -1.85
C PHE A 247 -5.13 -11.09 -1.26
N THR A 248 -6.07 -10.14 -1.44
CA THR A 248 -7.38 -10.22 -0.84
C THR A 248 -8.49 -10.58 -1.81
N MET A 249 -8.29 -10.39 -3.10
CA MET A 249 -9.10 -11.00 -4.16
C MET A 249 -9.38 -12.47 -3.86
N THR A 250 -10.64 -12.89 -4.04
CA THR A 250 -10.95 -14.32 -4.03
C THR A 250 -10.06 -15.06 -5.01
N HIS A 251 -9.53 -16.20 -4.58
CA HIS A 251 -8.58 -16.94 -5.42
C HIS A 251 -9.22 -17.25 -6.77
N ARG A 252 -8.45 -17.05 -7.84
CA ARG A 252 -8.92 -17.40 -9.18
C ARG A 252 -7.93 -18.38 -9.79
N ARG A 253 -8.46 -19.49 -10.31
CA ARG A 253 -7.62 -20.46 -10.97
C ARG A 253 -6.89 -19.77 -12.13
N PRO A 254 -5.65 -20.15 -12.41
CA PRO A 254 -4.92 -19.53 -13.52
C PRO A 254 -5.52 -19.93 -14.85
N THR A 255 -5.37 -19.04 -15.83
CA THR A 255 -5.72 -19.36 -17.22
C THR A 255 -4.60 -20.23 -17.79
N ILE A 256 -4.95 -21.42 -18.26
CA ILE A 256 -3.97 -22.37 -18.80
C ILE A 256 -4.00 -22.32 -20.31
N GLU A 257 -2.87 -22.03 -20.94
CA GLU A 257 -2.78 -22.06 -22.39
C GLU A 257 -1.83 -23.18 -22.83
N LYS A 258 -1.97 -23.55 -24.09
CA LYS A 258 -1.04 -24.49 -24.70
C LYS A 258 0.35 -23.87 -24.78
N ASP A 259 1.37 -24.72 -24.56
CA ASP A 259 2.74 -24.29 -24.70
C ASP A 259 3.09 -24.09 -26.17
N VAL A 260 4.21 -23.40 -26.41
CA VAL A 260 4.64 -23.12 -27.77
C VAL A 260 5.16 -24.39 -28.43
N ASP A 261 4.98 -24.47 -29.74
CA ASP A 261 5.52 -25.55 -30.56
C ASP A 261 6.62 -24.92 -31.41
N LEU A 262 7.88 -25.29 -31.12
CA LEU A 262 9.02 -24.71 -31.82
C LEU A 262 9.46 -25.51 -33.04
N GLY A 263 8.65 -26.48 -33.47
CA GLY A 263 8.91 -27.11 -34.76
C GLY A 263 10.18 -27.95 -34.80
N ALA A 264 10.73 -28.10 -36.00
CA ALA A 264 11.85 -29.00 -36.20
C ALA A 264 12.59 -28.62 -37.47
N GLY A 265 13.87 -28.99 -37.51
CA GLY A 265 14.66 -28.93 -38.72
C GLY A 265 15.58 -27.72 -38.77
N THR A 266 16.45 -27.74 -39.77
CA THR A 266 17.41 -26.67 -40.00
C THR A 266 16.78 -25.51 -40.77
N ARG A 267 17.43 -24.36 -40.68
CA ARG A 267 17.10 -23.20 -41.49
C ARG A 267 18.18 -22.99 -42.53
N GLY B 11 -18.04 31.55 38.77
CA GLY B 11 -18.62 30.22 38.69
C GLY B 11 -19.83 30.05 39.59
N GLU B 12 -20.34 28.83 39.68
CA GLU B 12 -19.78 27.67 38.98
C GLU B 12 -20.50 27.41 37.67
N THR B 13 -19.79 26.84 36.70
CA THR B 13 -20.36 26.68 35.38
C THR B 13 -21.38 25.53 35.37
N LEU B 14 -22.23 25.54 34.35
CA LEU B 14 -23.15 24.42 34.16
C LEU B 14 -22.38 23.12 33.95
N GLY B 15 -21.26 23.18 33.20
CA GLY B 15 -20.47 21.98 32.99
C GLY B 15 -19.94 21.39 34.27
N GLU B 16 -19.53 22.24 35.21
CA GLU B 16 -19.05 21.76 36.51
C GLU B 16 -20.19 21.13 37.31
N LYS B 17 -21.41 21.68 37.20
CA LYS B 17 -22.53 21.03 37.87
C LYS B 17 -22.76 19.65 37.27
N TRP B 18 -22.71 19.55 35.94
CA TRP B 18 -22.85 18.26 35.28
C TRP B 18 -21.78 17.27 35.76
N LYS B 19 -20.53 17.73 35.85
CA LYS B 19 -19.44 16.83 36.26
C LYS B 19 -19.64 16.35 37.70
N LYS B 20 -20.07 17.25 38.59
CA LYS B 20 -20.44 16.86 39.96
C LYS B 20 -21.46 15.73 39.96
N LYS B 21 -22.56 15.94 39.24
CA LYS B 21 -23.62 14.94 39.22
C LYS B 21 -23.12 13.63 38.63
N LEU B 22 -22.28 13.72 37.60
CA LEU B 22 -21.72 12.50 37.00
C LEU B 22 -20.89 11.73 38.02
N ASN B 23 -20.07 12.43 38.80
CA ASN B 23 -19.25 11.78 39.81
C ASN B 23 -20.07 11.25 40.98
N GLN B 24 -21.33 11.67 41.12
CA GLN B 24 -22.18 11.16 42.19
C GLN B 24 -22.88 9.85 41.82
N LEU B 25 -22.96 9.51 40.53
CA LEU B 25 -23.74 8.36 40.07
C LEU B 25 -23.14 7.05 40.53
N SER B 26 -24.02 6.07 40.78
CA SER B 26 -23.57 4.71 40.99
C SER B 26 -23.23 4.05 39.66
N ARG B 27 -22.72 2.82 39.70
CA ARG B 27 -22.34 2.12 38.47
C ARG B 27 -23.57 1.87 37.60
N LYS B 28 -24.67 1.42 38.21
CA LYS B 28 -25.90 1.17 37.47
C LYS B 28 -26.40 2.46 36.82
N GLU B 29 -26.48 3.53 37.60
CA GLU B 29 -26.95 4.82 37.09
C GLU B 29 -26.02 5.36 36.02
N PHE B 30 -24.71 5.23 36.22
CA PHE B 30 -23.75 5.71 35.24
C PHE B 30 -23.90 4.96 33.92
N ASP B 31 -23.99 3.63 33.98
CA ASP B 31 -24.13 2.83 32.75
C ASP B 31 -25.42 3.15 32.03
N LEU B 32 -26.51 3.40 32.77
CA LEU B 32 -27.75 3.81 32.11
C LEU B 32 -27.62 5.20 31.48
N TYR B 33 -27.09 6.15 32.23
CA TYR B 33 -27.03 7.54 31.80
C TYR B 33 -26.15 7.73 30.57
N LYS B 34 -24.98 7.06 30.54
CA LYS B 34 -23.98 7.40 29.54
C LYS B 34 -24.45 7.15 28.11
N LYS B 35 -25.43 6.26 27.92
CA LYS B 35 -25.96 5.96 26.59
C LYS B 35 -27.35 6.53 26.34
N SER B 36 -27.98 7.13 27.36
CA SER B 36 -29.37 7.56 27.22
C SER B 36 -29.54 8.61 26.13
N GLY B 37 -30.24 8.26 25.07
CA GLY B 37 -30.58 9.18 24.00
C GLY B 37 -29.47 9.51 23.03
N ILE B 38 -28.34 8.79 23.07
CA ILE B 38 -27.23 9.08 22.18
C ILE B 38 -27.40 8.32 20.86
N THR B 39 -26.53 8.62 19.90
CA THR B 39 -26.41 7.83 18.68
C THR B 39 -25.16 6.97 18.79
N GLU B 40 -25.24 5.75 18.28
CA GLU B 40 -24.05 4.90 18.26
C GLU B 40 -24.13 3.95 17.08
N VAL B 41 -22.98 3.56 16.58
CA VAL B 41 -22.93 2.58 15.50
C VAL B 41 -22.89 1.18 16.11
N ASP B 42 -23.49 0.25 15.39
CA ASP B 42 -23.44 -1.17 15.74
C ASP B 42 -22.06 -1.71 15.35
N ARG B 43 -21.25 -2.01 16.34
CA ARG B 43 -19.87 -2.46 16.11
C ARG B 43 -19.75 -3.98 16.10
N THR B 44 -20.87 -4.71 16.12
CA THR B 44 -20.83 -6.17 16.21
C THR B 44 -20.00 -6.77 15.10
N GLU B 45 -20.32 -6.43 13.85
CA GLU B 45 -19.65 -7.05 12.72
C GLU B 45 -18.16 -6.72 12.71
N ALA B 46 -17.82 -5.44 12.90
CA ALA B 46 -16.41 -5.06 12.90
C ALA B 46 -15.65 -5.78 14.01
N LYS B 47 -16.18 -5.78 15.23
CA LYS B 47 -15.50 -6.43 16.35
C LYS B 47 -15.30 -7.93 16.10
N GLU B 48 -16.35 -8.60 15.61
CA GLU B 48 -16.20 -10.03 15.29
C GLU B 48 -15.13 -10.24 14.22
N GLY B 49 -15.10 -9.37 13.20
CA GLY B 49 -14.09 -9.52 12.16
C GLY B 49 -12.67 -9.25 12.66
N LEU B 50 -12.50 -8.21 13.46
CA LEU B 50 -11.17 -7.89 14.01
C LEU B 50 -10.68 -9.01 14.91
N LYS B 51 -11.60 -9.65 15.64
CA LYS B 51 -11.20 -10.81 16.46
C LYS B 51 -10.68 -11.95 15.60
N ARG B 52 -11.21 -12.09 14.39
CA ARG B 52 -10.80 -13.11 13.43
C ARG B 52 -9.64 -12.67 12.54
N GLY B 53 -9.14 -11.44 12.68
CA GLY B 53 -8.03 -11.02 11.85
C GLY B 53 -8.39 -10.55 10.45
N GLU B 54 -9.66 -10.21 10.20
CA GLU B 54 -10.08 -9.75 8.89
C GLU B 54 -9.55 -8.35 8.63
N THR B 55 -9.10 -8.11 7.39
CA THR B 55 -8.41 -6.86 7.08
C THR B 55 -9.13 -5.98 6.07
N THR B 56 -10.33 -6.35 5.62
CA THR B 56 -11.07 -5.50 4.70
C THR B 56 -12.40 -5.09 5.33
N HIS B 57 -12.96 -3.99 4.83
CA HIS B 57 -14.27 -3.43 5.19
C HIS B 57 -14.37 -2.85 6.60
N HIS B 58 -13.82 -3.51 7.62
CA HIS B 58 -14.09 -3.07 8.99
C HIS B 58 -13.33 -1.78 9.36
N ALA B 59 -14.02 -0.90 10.07
CA ALA B 59 -13.34 0.17 10.79
C ALA B 59 -12.65 -0.41 12.03
N VAL B 60 -11.44 0.08 12.33
CA VAL B 60 -10.73 -0.49 13.46
C VAL B 60 -11.23 0.01 14.80
N SER B 61 -12.07 1.04 14.81
CA SER B 61 -12.63 1.58 16.05
C SER B 61 -13.91 2.33 15.70
N ARG B 62 -14.64 2.69 16.76
CA ARG B 62 -15.77 3.61 16.60
C ARG B 62 -15.35 4.98 16.08
N GLY B 63 -14.05 5.29 16.07
CA GLY B 63 -13.61 6.62 15.65
C GLY B 63 -13.91 6.93 14.20
N SER B 64 -13.90 5.91 13.34
CA SER B 64 -14.17 6.15 11.91
C SER B 64 -15.53 6.78 11.69
N ALA B 65 -16.58 6.19 12.28
CA ALA B 65 -17.92 6.76 12.14
C ALA B 65 -18.00 8.13 12.82
N LYS B 66 -17.28 8.29 13.93
CA LYS B 66 -17.29 9.54 14.65
C LYS B 66 -16.76 10.68 13.80
N LEU B 67 -15.63 10.46 13.12
CA LEU B 67 -15.10 11.49 12.24
C LEU B 67 -15.99 11.66 11.03
N GLN B 68 -16.54 10.56 10.52
CA GLN B 68 -17.45 10.64 9.38
C GLN B 68 -18.57 11.63 9.65
N TRP B 69 -19.08 11.68 10.88
CA TRP B 69 -20.18 12.61 11.18
C TRP B 69 -19.79 14.05 10.86
N PHE B 70 -18.56 14.46 11.23
CA PHE B 70 -18.06 15.80 10.90
C PHE B 70 -17.84 15.96 9.40
N VAL B 71 -17.24 14.94 8.76
CA VAL B 71 -16.85 15.08 7.36
C VAL B 71 -18.08 15.18 6.46
N GLU B 72 -19.13 14.42 6.78
CA GLU B 72 -20.33 14.44 5.96
C GLU B 72 -21.10 15.75 6.09
N ARG B 73 -20.74 16.60 7.04
CA ARG B 73 -21.32 17.92 7.17
C ARG B 73 -20.33 19.01 6.78
N ASN B 74 -19.22 18.65 6.12
CA ASN B 74 -18.22 19.58 5.62
C ASN B 74 -17.64 20.46 6.74
N MET B 75 -17.70 19.99 7.99
CA MET B 75 -17.13 20.76 9.10
C MET B 75 -15.62 20.66 9.12
N VAL B 76 -15.10 19.50 8.74
CA VAL B 76 -13.72 19.33 8.33
C VAL B 76 -13.75 18.54 7.03
N ILE B 77 -12.91 18.91 6.07
CA ILE B 77 -12.94 18.31 4.74
C ILE B 77 -11.55 17.79 4.45
N PRO B 78 -11.26 16.55 4.80
CA PRO B 78 -9.89 16.03 4.64
C PRO B 78 -9.45 16.09 3.19
N GLU B 79 -8.22 16.56 2.97
CA GLU B 79 -7.65 16.67 1.64
C GLU B 79 -6.14 16.69 1.75
N GLY B 80 -5.49 16.34 0.64
CA GLY B 80 -4.05 16.43 0.54
C GLY B 80 -3.36 15.56 1.57
N ARG B 81 -2.34 16.13 2.21
CA ARG B 81 -1.63 15.42 3.25
C ARG B 81 -2.35 15.58 4.58
N VAL B 82 -2.74 14.45 5.18
CA VAL B 82 -3.46 14.41 6.43
C VAL B 82 -2.50 13.93 7.51
N ILE B 83 -2.42 14.66 8.62
CA ILE B 83 -1.65 14.24 9.79
C ILE B 83 -2.62 13.96 10.91
N ASP B 84 -2.52 12.77 11.48
CA ASP B 84 -3.43 12.27 12.50
C ASP B 84 -2.62 12.11 13.79
N LEU B 85 -2.74 13.10 14.70
CA LEU B 85 -1.97 13.10 15.94
C LEU B 85 -2.67 12.25 16.99
N GLY B 86 -1.97 11.24 17.50
CA GLY B 86 -2.59 10.32 18.44
C GLY B 86 -3.53 9.35 17.73
N CYS B 87 -3.05 8.74 16.65
CA CYS B 87 -3.92 7.96 15.77
C CYS B 87 -4.42 6.67 16.40
N GLY B 88 -3.78 6.18 17.46
CA GLY B 88 -4.21 4.90 18.05
C GLY B 88 -4.24 3.77 17.05
N ARG B 89 -5.34 2.99 17.08
CA ARG B 89 -5.54 1.90 16.12
C ARG B 89 -5.54 2.39 14.68
N GLY B 90 -5.98 3.63 14.46
CA GLY B 90 -6.02 4.22 13.13
C GLY B 90 -7.41 4.53 12.56
N GLY B 91 -8.47 4.60 13.39
CA GLY B 91 -9.82 4.77 12.84
C GLY B 91 -9.97 6.02 11.99
N TRP B 92 -9.44 7.15 12.46
CA TRP B 92 -9.54 8.38 11.68
C TRP B 92 -8.70 8.30 10.41
N SER B 93 -7.49 7.73 10.51
CA SER B 93 -6.59 7.63 9.36
C SER B 93 -7.16 6.76 8.26
N TYR B 94 -7.68 5.57 8.63
CA TYR B 94 -8.23 4.70 7.62
C TYR B 94 -9.52 5.26 7.01
N TYR B 95 -10.31 6.01 7.79
CA TYR B 95 -11.46 6.67 7.17
C TYR B 95 -11.01 7.71 6.14
N CYS B 96 -10.05 8.57 6.51
CA CYS B 96 -9.59 9.60 5.58
C CYS B 96 -8.95 9.00 4.32
N ALA B 97 -8.32 7.83 4.45
CA ALA B 97 -7.61 7.24 3.31
C ALA B 97 -8.55 6.96 2.13
N GLY B 98 -9.84 6.77 2.37
CA GLY B 98 -10.78 6.47 1.32
C GLY B 98 -11.37 7.67 0.63
N LEU B 99 -11.02 8.88 1.08
CA LEU B 99 -11.61 10.11 0.55
C LEU B 99 -10.84 10.58 -0.68
N LYS B 100 -11.59 10.89 -1.74
CA LYS B 100 -11.00 11.23 -3.03
C LYS B 100 -9.94 12.32 -2.92
N LYS B 101 -10.22 13.40 -2.17
CA LYS B 101 -9.29 14.52 -2.10
C LYS B 101 -8.03 14.24 -1.29
N VAL B 102 -8.00 13.15 -0.51
CA VAL B 102 -6.84 12.84 0.32
C VAL B 102 -5.77 12.13 -0.51
N THR B 103 -4.52 12.55 -0.33
CA THR B 103 -3.41 11.98 -1.07
C THR B 103 -2.40 11.24 -0.21
N GLU B 104 -2.36 11.49 1.10
CA GLU B 104 -1.37 10.91 1.99
C GLU B 104 -1.90 11.02 3.41
N VAL B 105 -1.77 9.95 4.20
CA VAL B 105 -2.18 9.98 5.60
C VAL B 105 -1.00 9.54 6.46
N ARG B 106 -0.58 10.39 7.39
CA ARG B 106 0.46 10.05 8.35
C ARG B 106 -0.14 10.13 9.75
N GLY B 107 -0.12 9.01 10.47
CA GLY B 107 -0.61 8.93 11.83
C GLY B 107 0.56 8.68 12.78
N TYR B 108 0.52 9.35 13.92
CA TYR B 108 1.54 9.23 14.95
C TYR B 108 0.86 8.84 16.25
N THR B 109 1.43 7.88 16.98
CA THR B 109 0.79 7.51 18.23
C THR B 109 1.82 6.91 19.17
N LYS B 110 1.55 7.01 20.47
CA LYS B 110 2.53 6.55 21.46
C LYS B 110 2.69 5.03 21.43
N GLY B 111 1.59 4.30 21.43
CA GLY B 111 1.67 2.85 21.47
C GLY B 111 2.37 2.39 22.75
N GLY B 112 2.88 1.17 22.71
CA GLY B 112 3.56 0.59 23.85
C GLY B 112 2.59 0.17 24.93
N PRO B 113 3.13 -0.22 26.09
CA PRO B 113 2.28 -0.72 27.18
C PRO B 113 1.24 0.31 27.59
N GLY B 114 -0.02 -0.12 27.67
CA GLY B 114 -1.11 0.72 28.10
C GLY B 114 -1.73 1.59 27.02
N HIS B 115 -1.25 1.52 25.79
CA HIS B 115 -1.78 2.34 24.72
C HIS B 115 -2.07 1.49 23.49
N GLU B 116 -3.05 1.92 22.68
CA GLU B 116 -3.40 1.16 21.50
C GLU B 116 -2.31 1.27 20.44
N GLU B 117 -2.02 0.14 19.78
CA GLU B 117 -1.11 0.12 18.65
C GLU B 117 -1.89 0.26 17.34
N PRO B 118 -1.25 0.83 16.31
CA PRO B 118 -1.87 0.82 14.98
C PRO B 118 -2.22 -0.59 14.55
N VAL B 119 -3.39 -0.71 13.92
CA VAL B 119 -3.92 -1.98 13.45
C VAL B 119 -3.74 -2.04 11.94
N PRO B 120 -2.96 -2.97 11.42
CA PRO B 120 -2.82 -3.08 9.95
C PRO B 120 -4.11 -3.52 9.30
N MET B 121 -4.56 -2.77 8.29
CA MET B 121 -5.75 -3.13 7.52
C MET B 121 -5.48 -2.92 6.05
N SER B 122 -6.35 -3.53 5.23
CA SER B 122 -6.32 -3.32 3.78
C SER B 122 -7.65 -2.75 3.30
N THR B 123 -8.25 -1.86 4.09
CA THR B 123 -9.44 -1.15 3.66
C THR B 123 -9.05 -0.15 2.56
N TYR B 124 -10.08 0.39 1.90
CA TYR B 124 -9.85 1.17 0.69
C TYR B 124 -8.91 2.33 0.96
N GLY B 125 -7.84 2.41 0.16
CA GLY B 125 -6.87 3.47 0.32
C GLY B 125 -5.81 3.22 1.37
N TRP B 126 -5.75 2.01 1.93
CA TRP B 126 -4.75 1.69 2.97
C TRP B 126 -3.34 2.01 2.48
N ASN B 127 -3.10 1.92 1.17
CA ASN B 127 -1.77 2.06 0.62
C ASN B 127 -1.20 3.48 0.74
N ILE B 128 -2.02 4.47 1.07
CA ILE B 128 -1.51 5.83 1.29
C ILE B 128 -1.41 6.17 2.78
N VAL B 129 -1.55 5.18 3.66
CA VAL B 129 -1.52 5.39 5.11
C VAL B 129 -0.18 4.90 5.67
N LYS B 130 0.43 5.72 6.51
CA LYS B 130 1.59 5.36 7.33
C LYS B 130 1.25 5.64 8.78
N LEU B 131 1.07 4.58 9.58
CA LEU B 131 0.82 4.71 11.00
C LEU B 131 2.12 4.39 11.74
N MET B 132 2.56 5.31 12.59
CA MET B 132 3.83 5.20 13.30
C MET B 132 3.56 5.17 14.80
N SER B 133 3.93 4.05 15.43
CA SER B 133 3.86 3.91 16.88
C SER B 133 5.18 4.34 17.50
N GLY B 134 5.19 4.44 18.83
CA GLY B 134 6.40 4.87 19.53
C GLY B 134 6.70 6.33 19.36
N LYS B 135 5.71 7.15 19.01
CA LYS B 135 5.90 8.56 18.77
C LYS B 135 5.08 9.34 19.78
N ASP B 136 5.73 10.21 20.54
CA ASP B 136 5.03 11.10 21.46
C ASP B 136 4.82 12.44 20.76
N VAL B 137 3.57 12.76 20.43
CA VAL B 137 3.36 13.96 19.62
C VAL B 137 3.65 15.24 20.41
N PHE B 138 3.69 15.17 21.74
CA PHE B 138 4.03 16.36 22.51
C PHE B 138 5.49 16.74 22.37
N TYR B 139 6.30 15.90 21.75
CA TYR B 139 7.70 16.22 21.49
C TYR B 139 7.99 16.21 19.99
N LEU B 140 6.95 16.14 19.15
CA LEU B 140 7.12 15.97 17.71
C LEU B 140 7.21 17.31 16.99
N PRO B 141 8.26 17.59 16.24
CA PRO B 141 8.35 18.85 15.48
C PRO B 141 7.21 18.98 14.48
N PRO B 142 6.52 20.12 14.47
CA PRO B 142 5.40 20.29 13.54
C PRO B 142 5.81 20.14 12.08
N GLU B 143 4.91 19.56 11.30
CA GLU B 143 5.12 19.31 9.89
C GLU B 143 4.04 20.02 9.08
N LYS B 144 4.38 20.39 7.85
CA LYS B 144 3.40 20.96 6.93
C LYS B 144 2.35 19.91 6.55
N CYS B 145 1.08 20.29 6.59
CA CYS B 145 0.02 19.39 6.15
C CYS B 145 -1.20 20.20 5.73
N ASP B 146 -2.06 19.55 4.94
CA ASP B 146 -3.30 20.15 4.48
C ASP B 146 -4.48 19.85 5.40
N THR B 147 -4.39 18.81 6.22
CA THR B 147 -5.42 18.48 7.18
C THR B 147 -4.73 18.04 8.47
N LEU B 148 -5.14 18.61 9.60
CA LEU B 148 -4.60 18.29 10.92
C LEU B 148 -5.71 17.75 11.80
N LEU B 149 -5.58 16.49 12.22
CA LEU B 149 -6.55 15.84 13.08
C LEU B 149 -5.88 15.53 14.41
N CYS B 150 -6.64 15.68 15.49
CA CYS B 150 -6.11 15.27 16.78
C CYS B 150 -7.27 14.86 17.67
N ASP B 151 -7.22 13.64 18.22
CA ASP B 151 -8.29 13.10 19.05
C ASP B 151 -7.78 12.76 20.46
N ILE B 152 -6.81 13.53 20.97
CA ILE B 152 -6.14 13.24 22.24
C ILE B 152 -6.82 13.99 23.38
N GLY B 153 -6.98 13.30 24.51
CA GLY B 153 -7.40 13.92 25.75
C GLY B 153 -7.91 12.90 26.75
N GLU B 154 -7.14 12.67 27.83
CA GLU B 154 -7.46 11.62 28.80
C GLU B 154 -8.41 12.17 29.87
N SER B 155 -9.57 11.53 30.01
CA SER B 155 -10.56 11.95 31.00
C SER B 155 -10.08 11.69 32.42
N SER B 156 -10.70 12.40 33.36
CA SER B 156 -10.44 12.26 34.77
C SER B 156 -11.69 12.66 35.54
N PRO B 157 -11.95 12.06 36.70
CA PRO B 157 -13.05 12.56 37.55
C PRO B 157 -12.82 13.98 38.02
N SER B 158 -11.58 14.49 37.99
CA SER B 158 -11.30 15.87 38.36
C SER B 158 -11.40 16.79 37.14
N PRO B 159 -12.31 17.76 37.14
CA PRO B 159 -12.34 18.74 36.03
C PRO B 159 -11.07 19.57 35.96
N THR B 160 -10.37 19.76 37.08
CA THR B 160 -9.13 20.54 37.08
C THR B 160 -8.01 19.82 36.34
N VAL B 161 -7.86 18.51 36.58
CA VAL B 161 -6.93 17.70 35.81
C VAL B 161 -7.27 17.76 34.33
N GLU B 162 -8.56 17.62 34.01
CA GLU B 162 -8.98 17.65 32.62
C GLU B 162 -8.69 19.00 31.98
N GLU B 163 -8.90 20.09 32.71
CA GLU B 163 -8.59 21.41 32.18
C GLU B 163 -7.11 21.55 31.86
N SER B 164 -6.25 21.13 32.79
CA SER B 164 -4.82 21.18 32.56
C SER B 164 -4.43 20.36 31.32
N ARG B 165 -4.99 19.15 31.19
CA ARG B 165 -4.70 18.31 30.04
C ARG B 165 -5.18 18.94 28.74
N THR B 166 -6.38 19.51 28.76
CA THR B 166 -6.93 20.11 27.56
C THR B 166 -6.07 21.26 27.09
N ILE B 167 -5.66 22.13 28.02
CA ILE B 167 -4.83 23.26 27.63
C ILE B 167 -3.52 22.76 27.03
N ARG B 168 -2.92 21.73 27.63
CA ARG B 168 -1.69 21.17 27.05
C ARG B 168 -1.90 20.61 25.65
N VAL B 169 -3.03 19.93 25.40
CA VAL B 169 -3.31 19.45 24.04
C VAL B 169 -3.40 20.61 23.06
N LEU B 170 -4.11 21.68 23.45
CA LEU B 170 -4.29 22.81 22.55
C LEU B 170 -2.95 23.50 22.26
N LYS B 171 -2.11 23.64 23.29
CA LYS B 171 -0.79 24.21 23.09
C LYS B 171 0.04 23.35 22.15
N MET B 172 -0.09 22.03 22.27
CA MET B 172 0.68 21.14 21.38
C MET B 172 0.21 21.26 19.94
N VAL B 173 -1.11 21.33 19.70
CA VAL B 173 -1.60 21.28 18.33
C VAL B 173 -1.43 22.62 17.63
N GLU B 174 -1.48 23.74 18.36
CA GLU B 174 -1.49 25.04 17.68
C GLU B 174 -0.34 25.25 16.68
N PRO B 175 0.90 24.86 16.96
CA PRO B 175 1.97 25.04 15.95
C PRO B 175 1.74 24.28 14.65
N TRP B 176 0.80 23.32 14.62
CA TRP B 176 0.52 22.59 13.39
C TRP B 176 -0.49 23.28 12.49
N LEU B 177 -1.13 24.37 12.94
CA LEU B 177 -2.24 24.99 12.22
C LEU B 177 -1.73 26.15 11.37
N LYS B 178 -1.97 26.04 10.06
CA LYS B 178 -1.62 27.09 9.12
C LYS B 178 -2.26 26.80 7.77
N ASN B 179 -3.33 27.53 7.45
CA ASN B 179 -4.03 27.39 6.17
C ASN B 179 -4.41 25.94 5.91
N ASN B 180 -4.88 25.24 6.95
CA ASN B 180 -5.26 23.85 6.75
C ASN B 180 -6.59 23.57 7.44
N GLN B 181 -7.20 22.47 6.99
CA GLN B 181 -8.36 21.89 7.65
C GLN B 181 -7.94 21.30 8.97
N PHE B 182 -8.84 21.31 9.96
CA PHE B 182 -8.48 20.65 11.20
C PHE B 182 -9.72 20.15 11.93
N CYS B 183 -9.50 19.15 12.79
CA CYS B 183 -10.54 18.64 13.69
C CYS B 183 -9.81 18.19 14.95
N ILE B 184 -10.06 18.86 16.06
CA ILE B 184 -9.26 18.71 17.28
C ILE B 184 -10.19 18.45 18.46
N LYS B 185 -9.96 17.36 19.19
CA LYS B 185 -10.79 17.13 20.36
C LYS B 185 -10.44 18.12 21.47
N VAL B 186 -11.48 18.63 22.11
CA VAL B 186 -11.40 19.47 23.30
C VAL B 186 -12.07 18.68 24.41
N LEU B 187 -11.24 17.99 25.20
CA LEU B 187 -11.75 17.05 26.21
C LEU B 187 -12.69 17.73 27.18
N ASN B 188 -12.26 18.86 27.73
CA ASN B 188 -13.04 19.62 28.70
C ASN B 188 -13.15 21.06 28.20
N PRO B 189 -14.26 21.41 27.55
CA PRO B 189 -14.41 22.77 27.02
C PRO B 189 -15.09 23.75 27.96
N TYR B 190 -15.51 23.34 29.16
CA TYR B 190 -16.37 24.19 29.99
C TYR B 190 -15.65 24.89 31.13
N MET B 191 -14.44 24.47 31.47
CA MET B 191 -13.69 25.17 32.52
C MET B 191 -13.25 26.55 32.02
N PRO B 192 -13.28 27.57 32.89
CA PRO B 192 -13.09 28.96 32.41
C PRO B 192 -11.78 29.23 31.68
N THR B 193 -10.65 28.70 32.15
CA THR B 193 -9.39 28.96 31.44
C THR B 193 -9.42 28.33 30.06
N VAL B 194 -10.03 27.14 29.93
CA VAL B 194 -10.18 26.53 28.61
C VAL B 194 -11.04 27.41 27.72
N ILE B 195 -12.19 27.85 28.22
CA ILE B 195 -13.07 28.69 27.41
C ILE B 195 -12.32 29.91 26.88
N GLU B 196 -11.55 30.58 27.76
CA GLU B 196 -10.83 31.76 27.30
C GLU B 196 -9.76 31.40 26.27
N HIS B 197 -9.04 30.29 26.48
CA HIS B 197 -8.05 29.87 25.50
C HIS B 197 -8.70 29.54 24.15
N LEU B 198 -9.88 28.91 24.19
CA LEU B 198 -10.59 28.55 22.95
C LEU B 198 -11.07 29.79 22.22
N GLU B 199 -11.54 30.79 22.95
CA GLU B 199 -11.93 32.03 22.28
C GLU B 199 -10.73 32.68 21.62
N ARG B 200 -9.56 32.63 22.28
CA ARG B 200 -8.35 33.20 21.70
C ARG B 200 -7.91 32.40 20.47
N LEU B 201 -8.01 31.07 20.54
CA LEU B 201 -7.68 30.24 19.38
C LEU B 201 -8.62 30.50 18.22
N GLN B 202 -9.91 30.72 18.51
CA GLN B 202 -10.87 30.98 17.45
C GLN B 202 -10.60 32.32 16.78
N ARG B 203 -10.17 33.33 17.55
CA ARG B 203 -9.78 34.57 16.91
C ARG B 203 -8.56 34.37 16.02
N LYS B 204 -7.63 33.51 16.45
CA LYS B 204 -6.36 33.36 15.71
C LYS B 204 -6.47 32.43 14.50
N HIS B 205 -7.31 31.40 14.55
CA HIS B 205 -7.32 30.35 13.53
C HIS B 205 -8.72 30.04 13.00
N GLY B 206 -9.75 30.73 13.47
CA GLY B 206 -11.11 30.52 13.00
C GLY B 206 -11.73 29.23 13.51
N GLY B 207 -12.74 28.76 12.78
CA GLY B 207 -13.40 27.53 13.17
C GLY B 207 -14.41 27.72 14.29
N MET B 208 -14.85 26.58 14.81
CA MET B 208 -15.97 26.57 15.74
C MET B 208 -15.92 25.26 16.52
N LEU B 209 -16.52 25.29 17.71
CA LEU B 209 -16.61 24.14 18.59
C LEU B 209 -17.96 23.45 18.43
N VAL B 210 -17.94 22.13 18.17
CA VAL B 210 -19.16 21.40 17.83
C VAL B 210 -19.23 20.12 18.66
N ARG B 211 -20.43 19.77 19.10
CA ARG B 211 -20.69 18.52 19.79
C ARG B 211 -21.07 17.42 18.79
N ASN B 212 -20.42 16.23 18.92
CA ASN B 212 -20.72 15.07 18.09
C ASN B 212 -21.80 14.24 18.78
N PRO B 213 -22.93 13.94 18.12
CA PRO B 213 -23.98 13.15 18.79
C PRO B 213 -23.58 11.71 19.06
N LEU B 214 -22.45 11.25 18.52
CA LEU B 214 -21.96 9.92 18.85
C LEU B 214 -21.14 9.92 20.14
N SER B 215 -20.88 11.09 20.72
CA SER B 215 -20.23 11.16 22.02
C SER B 215 -21.19 10.66 23.09
N ARG B 216 -20.65 9.91 24.07
CA ARG B 216 -21.49 9.45 25.18
C ARG B 216 -21.81 10.62 26.11
N ASN B 217 -22.89 10.46 26.88
CA ASN B 217 -23.28 11.49 27.83
C ASN B 217 -22.29 11.63 28.99
N SER B 218 -21.40 10.65 29.18
CA SER B 218 -20.41 10.68 30.25
C SER B 218 -19.18 11.52 29.89
N THR B 219 -19.15 12.13 28.72
CA THR B 219 -18.07 13.05 28.38
C THR B 219 -18.67 14.35 27.86
N HIS B 220 -18.06 15.46 28.24
CA HIS B 220 -18.44 16.78 27.76
C HIS B 220 -17.60 17.20 26.55
N GLU B 221 -16.86 16.26 25.95
CA GLU B 221 -15.94 16.57 24.86
C GLU B 221 -16.67 17.27 23.72
N MET B 222 -15.99 18.24 23.12
CA MET B 222 -16.44 18.87 21.89
C MET B 222 -15.25 18.96 20.95
N TYR B 223 -15.49 19.22 19.68
CA TYR B 223 -14.42 19.21 18.69
C TYR B 223 -14.30 20.59 18.05
N TRP B 224 -13.07 21.09 18.02
CA TRP B 224 -12.76 22.33 17.31
C TRP B 224 -12.52 21.98 15.85
N ILE B 225 -13.44 22.41 14.99
CA ILE B 225 -13.34 22.13 13.56
C ILE B 225 -13.10 23.43 12.82
N SER B 226 -12.51 23.31 11.63
CA SER B 226 -11.95 24.48 10.95
C SER B 226 -13.00 25.32 10.21
N ASN B 227 -14.14 24.76 9.84
CA ASN B 227 -15.01 25.42 8.88
C ASN B 227 -16.20 26.11 9.55
N GLY B 228 -16.40 27.39 9.25
CA GLY B 228 -17.50 28.13 9.82
C GLY B 228 -17.08 28.89 11.07
N THR B 229 -18.08 29.42 11.76
CA THR B 229 -17.84 30.22 12.97
C THR B 229 -19.03 30.04 13.90
N GLY B 230 -18.99 30.74 15.03
CA GLY B 230 -20.07 30.65 15.99
C GLY B 230 -19.63 31.11 17.37
N ASN B 231 -20.59 31.12 18.29
CA ASN B 231 -20.34 31.55 19.66
C ASN B 231 -19.94 30.34 20.50
N ILE B 232 -18.67 30.31 20.94
CA ILE B 232 -18.17 29.14 21.66
C ILE B 232 -18.88 28.97 23.00
N VAL B 233 -18.98 30.05 23.79
CA VAL B 233 -19.60 29.95 25.11
C VAL B 233 -21.03 29.44 25.00
N SER B 234 -21.79 29.97 24.03
CA SER B 234 -23.17 29.52 23.84
C SER B 234 -23.23 28.03 23.50
N SER B 235 -22.34 27.55 22.63
CA SER B 235 -22.38 26.14 22.27
C SER B 235 -21.99 25.25 23.44
N VAL B 236 -20.99 25.68 24.22
CA VAL B 236 -20.59 24.91 25.40
C VAL B 236 -21.75 24.82 26.38
N ASN B 237 -22.36 25.96 26.69
CA ASN B 237 -23.48 25.95 27.63
C ASN B 237 -24.66 25.13 27.11
N MET B 238 -24.88 25.16 25.78
CA MET B 238 -25.92 24.31 25.21
C MET B 238 -25.65 22.84 25.49
N VAL B 239 -24.40 22.41 25.31
CA VAL B 239 -24.07 21.01 25.62
C VAL B 239 -24.28 20.73 27.10
N SER B 240 -23.84 21.64 27.96
CA SER B 240 -24.01 21.43 29.40
C SER B 240 -25.47 21.24 29.76
N ARG B 241 -26.35 22.07 29.17
CA ARG B 241 -27.77 21.95 29.44
C ARG B 241 -28.34 20.63 28.95
N LEU B 242 -27.96 20.24 27.72
CA LEU B 242 -28.40 18.94 27.21
C LEU B 242 -28.01 17.82 28.16
N LEU B 243 -26.73 17.77 28.54
CA LEU B 243 -26.27 16.67 29.37
C LEU B 243 -26.90 16.72 30.76
N LEU B 244 -27.12 17.93 31.30
CA LEU B 244 -27.76 18.04 32.60
C LEU B 244 -29.21 17.54 32.54
N ASN B 245 -29.93 17.93 31.50
CA ASN B 245 -31.29 17.44 31.35
C ASN B 245 -31.29 15.93 31.17
N ARG B 246 -30.20 15.38 30.65
CA ARG B 246 -30.17 13.93 30.44
C ARG B 246 -30.09 13.13 31.75
N PHE B 247 -29.81 13.77 32.89
CA PHE B 247 -29.81 13.06 34.16
C PHE B 247 -31.21 12.64 34.60
N THR B 248 -32.21 13.51 34.41
CA THR B 248 -33.54 13.30 34.95
C THR B 248 -34.57 12.88 33.91
N MET B 249 -34.31 13.20 32.65
CA MET B 249 -35.00 12.60 31.53
C MET B 249 -35.17 11.10 31.73
N THR B 250 -36.38 10.60 31.44
CA THR B 250 -36.65 9.17 31.35
C THR B 250 -35.61 8.54 30.44
N HIS B 251 -35.07 7.38 30.85
CA HIS B 251 -34.04 6.71 30.05
C HIS B 251 -34.54 6.33 28.66
N ARG B 252 -33.73 6.58 27.63
CA ARG B 252 -34.03 6.12 26.27
C ARG B 252 -32.92 5.28 25.68
N ARG B 253 -33.32 4.21 25.01
CA ARG B 253 -32.41 3.40 24.24
C ARG B 253 -31.69 4.26 23.21
N PRO B 254 -30.38 4.11 23.05
CA PRO B 254 -29.67 4.89 22.03
C PRO B 254 -30.13 4.51 20.63
N THR B 255 -30.02 5.47 19.72
CA THR B 255 -30.27 5.21 18.31
C THR B 255 -29.08 4.47 17.72
N ILE B 256 -29.34 3.28 17.19
CA ILE B 256 -28.29 2.41 16.66
C ILE B 256 -28.26 2.57 15.15
N GLU B 257 -27.10 2.94 14.61
CA GLU B 257 -26.90 3.03 13.17
C GLU B 257 -25.92 1.97 12.72
N LYS B 258 -25.97 1.66 11.43
CA LYS B 258 -24.97 0.78 10.84
C LYS B 258 -23.60 1.44 10.89
N ASP B 259 -22.57 0.65 11.15
CA ASP B 259 -21.21 1.13 11.15
C ASP B 259 -20.76 1.44 9.71
N VAL B 260 -19.66 2.18 9.60
CA VAL B 260 -19.14 2.52 8.28
C VAL B 260 -18.53 1.29 7.63
N ASP B 261 -18.61 1.22 6.30
CA ASP B 261 -17.96 0.21 5.48
C ASP B 261 -16.82 0.90 4.73
N LEU B 262 -15.58 0.58 5.10
CA LEU B 262 -14.42 1.23 4.51
C LEU B 262 -13.86 0.46 3.31
N GLY B 263 -14.59 -0.53 2.80
CA GLY B 263 -14.19 -1.14 1.54
C GLY B 263 -12.88 -1.92 1.59
N ALA B 264 -12.23 -2.00 0.43
CA ALA B 264 -11.05 -2.86 0.32
C ALA B 264 -10.19 -2.39 -0.84
N GLY B 265 -8.89 -2.64 -0.72
CA GLY B 265 -8.00 -2.50 -1.87
C GLY B 265 -7.31 -1.15 -1.92
N THR B 266 -6.41 -1.05 -2.91
CA THR B 266 -5.63 0.16 -3.07
C THR B 266 -6.45 1.25 -3.76
N ARG B 267 -5.98 2.48 -3.56
CA ARG B 267 -6.46 3.65 -4.29
C ARG B 267 -5.38 4.06 -5.26
#